data_7BYJ
#
_entry.id   7BYJ
#
_cell.length_a   49.149
_cell.length_b   49.149
_cell.length_c   350.225
_cell.angle_alpha   90.000
_cell.angle_beta   90.000
_cell.angle_gamma   90.000
#
_symmetry.space_group_name_H-M   'P 43 21 2'
#
loop_
_entity.id
_entity.type
_entity.pdbx_description
1 polymer 'FERM and PDZ domain-containing protein 4'
2 water water
#
_entity_poly.entity_id   1
_entity_poly.type   'polypeptide(L)'
_entity_poly.pdbx_seq_one_letter_code
;GPGSTVKDNSLLFMPNVLKVYLENGQTKSFRFDCSTSIKDVILTLQEKLSIKGIEHFSLMLEQRTEGAGTKLLLLHEQET
LTQVTQRPSSHKMRCLFRISFVPKDPIDLLRRDPVAFEYLYVQSCNDVVQERFGPELKYDIALRLAALQMYIATVTTKQT
QKISLKYIEKEWGLETFLPSAVLQSMKEKNIKKALSHLVKANQNLVPPGKKLSALQAKVHYLKFLSDLRLYGGRVFKATL
VQAEKRSEVTLLVGPRYGISHVINTKTNLVALLADFSHVNRIEMFSEEESLVRVELHVLDVKPITLLMESSDAMNLACLT
AGYYRLLVDSRRSIFNMAN
;
_entity_poly.pdbx_strand_id   A
#
# COMPACT_ATOMS: atom_id res chain seq x y z
N ASP A 8 -25.09 10.63 6.11
CA ASP A 8 -23.98 10.60 5.16
C ASP A 8 -23.48 9.18 4.92
N ASN A 9 -22.74 9.02 3.82
CA ASN A 9 -22.17 7.74 3.46
C ASN A 9 -20.93 8.01 2.63
N SER A 10 -19.78 7.49 3.09
CA SER A 10 -18.53 7.64 2.37
C SER A 10 -18.31 6.58 1.30
N LEU A 11 -19.03 5.47 1.34
CA LEU A 11 -18.76 4.36 0.43
C LEU A 11 -19.53 4.48 -0.88
N LEU A 12 -20.74 5.03 -0.84
CA LEU A 12 -21.63 5.09 -1.99
C LEU A 12 -21.81 6.53 -2.46
N PHE A 13 -22.12 6.68 -3.74
CA PHE A 13 -22.70 7.94 -4.17
C PHE A 13 -24.20 7.96 -3.87
N MET A 14 -24.83 6.81 -4.03
CA MET A 14 -26.28 6.62 -3.90
C MET A 14 -26.52 5.15 -3.61
N PRO A 15 -27.77 4.76 -3.35
CA PRO A 15 -28.10 3.32 -3.37
C PRO A 15 -27.64 2.65 -4.66
N ASN A 16 -26.82 1.60 -4.55
CA ASN A 16 -26.36 0.76 -5.66
C ASN A 16 -25.35 1.43 -6.60
N VAL A 17 -24.76 2.56 -6.20
CA VAL A 17 -23.69 3.20 -6.95
C VAL A 17 -22.48 3.36 -6.03
N LEU A 18 -21.42 2.59 -6.30
CA LEU A 18 -20.20 2.62 -5.51
C LEU A 18 -19.30 3.81 -5.88
N LYS A 19 -18.77 4.48 -4.85
CA LYS A 19 -17.76 5.52 -5.02
C LYS A 19 -16.37 4.90 -4.86
N VAL A 20 -15.48 5.15 -5.82
CA VAL A 20 -14.09 4.64 -5.78
C VAL A 20 -13.12 5.81 -5.93
N TYR A 21 -12.26 6.04 -4.94
CA TYR A 21 -11.23 7.07 -4.99
C TYR A 21 -9.97 6.54 -5.67
N LEU A 22 -9.49 7.25 -6.68
CA LEU A 22 -8.19 6.92 -7.27
C LEU A 22 -7.11 7.68 -6.52
N GLU A 23 -5.85 7.25 -6.69
CA GLU A 23 -4.80 7.82 -5.85
C GLU A 23 -4.49 9.27 -6.21
N ASN A 24 -4.90 9.72 -7.40
CA ASN A 24 -4.71 11.11 -7.78
C ASN A 24 -5.83 12.03 -7.29
N GLY A 25 -6.80 11.53 -6.51
CA GLY A 25 -7.93 12.33 -6.06
C GLY A 25 -9.21 12.18 -6.88
N GLN A 26 -9.15 11.68 -8.13
CA GLN A 26 -10.36 11.43 -8.91
C GLN A 26 -11.29 10.44 -8.19
N THR A 27 -12.59 10.65 -8.36
CA THR A 27 -13.58 9.65 -7.98
C THR A 27 -14.26 9.09 -9.22
N LYS A 28 -14.72 7.84 -9.11
CA LYS A 28 -15.39 7.13 -10.19
C LYS A 28 -16.57 6.35 -9.63
N SER A 29 -17.56 6.08 -10.47
CA SER A 29 -18.80 5.50 -10.01
C SER A 29 -19.02 4.17 -10.71
N PHE A 30 -19.66 3.24 -10.00
CA PHE A 30 -19.95 1.92 -10.52
C PHE A 30 -21.33 1.54 -10.01
N ARG A 31 -22.28 1.39 -10.95
CA ARG A 31 -23.58 0.87 -10.58
C ARG A 31 -23.43 -0.62 -10.32
N PHE A 32 -24.00 -1.10 -9.24
CA PHE A 32 -23.94 -2.52 -8.96
C PHE A 32 -25.32 -3.05 -8.65
N ASP A 33 -25.48 -4.36 -8.82
CA ASP A 33 -26.67 -5.01 -8.32
C ASP A 33 -26.21 -6.05 -7.32
N CYS A 34 -27.06 -6.99 -6.97
CA CYS A 34 -26.72 -8.01 -6.00
C CYS A 34 -25.73 -9.05 -6.55
N SER A 35 -25.34 -9.01 -7.81
CA SER A 35 -24.38 -9.98 -8.32
C SER A 35 -23.00 -9.41 -8.61
N THR A 36 -22.84 -8.08 -8.56
CA THR A 36 -21.57 -7.48 -8.97
C THR A 36 -20.48 -7.82 -7.97
N SER A 37 -19.35 -8.26 -8.49
CA SER A 37 -18.18 -8.62 -7.69
C SER A 37 -17.14 -7.49 -7.69
N ILE A 38 -16.23 -7.52 -6.71
CA ILE A 38 -15.10 -6.54 -6.69
C ILE A 38 -14.28 -6.78 -7.96
N LYS A 39 -14.12 -8.04 -8.36
CA LYS A 39 -13.44 -8.32 -9.62
C LYS A 39 -14.04 -7.55 -10.79
N ASP A 40 -15.37 -7.41 -10.81
CA ASP A 40 -16.01 -6.72 -11.92
C ASP A 40 -15.57 -5.28 -11.98
N VAL A 41 -15.53 -4.59 -10.86
CA VAL A 41 -15.15 -3.15 -10.82
C VAL A 41 -13.68 -2.98 -11.20
N ILE A 42 -12.83 -3.92 -10.83
CA ILE A 42 -11.39 -3.86 -11.15
C ILE A 42 -11.20 -4.03 -12.65
N LEU A 43 -11.97 -4.90 -13.29
CA LEU A 43 -11.82 -5.02 -14.74
C LEU A 43 -12.30 -3.76 -15.45
N THR A 44 -13.42 -3.18 -15.00
CA THR A 44 -13.85 -1.92 -15.59
C THR A 44 -12.82 -0.83 -15.35
N LEU A 45 -12.10 -0.86 -14.25
CA LEU A 45 -11.11 0.20 -13.98
C LEU A 45 -9.88 -0.08 -14.83
N GLN A 46 -9.56 -1.35 -15.07
CA GLN A 46 -8.41 -1.64 -15.94
C GLN A 46 -8.68 -1.02 -17.30
N GLU A 47 -9.90 -1.14 -17.78
CA GLU A 47 -10.18 -0.65 -19.13
C GLU A 47 -10.25 0.87 -19.15
N LYS A 48 -10.89 1.49 -18.15
CA LYS A 48 -10.95 2.95 -18.12
C LYS A 48 -9.55 3.56 -18.11
N LEU A 49 -8.62 2.96 -17.38
CA LEU A 49 -7.33 3.56 -17.10
C LEU A 49 -6.23 3.01 -17.99
N SER A 50 -6.54 2.08 -18.86
CA SER A 50 -5.53 1.59 -19.82
C SER A 50 -4.36 1.01 -19.04
N ILE A 51 -4.67 0.11 -18.12
CA ILE A 51 -3.65 -0.56 -17.27
C ILE A 51 -3.38 -1.93 -17.86
N LYS A 52 -2.13 -2.38 -17.82
CA LYS A 52 -1.82 -3.74 -18.29
C LYS A 52 -1.54 -4.60 -17.06
N GLY A 53 -0.94 -4.02 -16.04
CA GLY A 53 -0.60 -4.77 -14.82
C GLY A 53 -1.65 -4.73 -13.74
N ILE A 54 -2.86 -5.18 -14.05
CA ILE A 54 -3.98 -5.10 -13.09
C ILE A 54 -3.69 -6.04 -11.93
N GLU A 55 -2.89 -7.06 -12.18
CA GLU A 55 -2.53 -8.04 -11.14
C GLU A 55 -1.86 -7.31 -9.97
N HIS A 56 -1.36 -6.12 -10.19
CA HIS A 56 -0.77 -5.40 -9.07
C HIS A 56 -1.81 -4.71 -8.16
N PHE A 57 -3.08 -4.62 -8.55
CA PHE A 57 -4.05 -3.67 -8.00
C PHE A 57 -5.14 -4.37 -7.17
N SER A 58 -5.71 -3.62 -6.26
CA SER A 58 -6.77 -4.15 -5.38
C SER A 58 -7.76 -3.06 -5.06
N LEU A 59 -8.92 -3.46 -4.55
CA LEU A 59 -9.86 -2.46 -4.03
C LEU A 59 -9.80 -2.64 -2.51
N MET A 60 -9.82 -1.53 -1.78
CA MET A 60 -9.63 -1.60 -0.32
C MET A 60 -10.63 -0.69 0.38
N LEU A 61 -10.96 -1.00 1.63
CA LEU A 61 -11.81 -0.10 2.43
C LEU A 61 -10.92 0.70 3.37
N GLU A 62 -11.23 1.99 3.58
CA GLU A 62 -10.41 2.87 4.42
C GLU A 62 -11.10 3.06 5.76
N GLN A 63 -10.56 2.46 6.79
CA GLN A 63 -11.15 2.54 8.12
C GLN A 63 -10.51 3.68 8.89
N ARG A 64 -11.33 4.54 9.47
CA ARG A 64 -10.86 5.61 10.34
C ARG A 64 -10.82 5.07 11.77
N THR A 65 -9.61 5.05 12.35
CA THR A 65 -9.40 4.52 13.68
C THR A 65 -9.56 5.65 14.71
N GLU A 66 -9.75 5.26 15.97
CA GLU A 66 -10.08 6.23 17.03
C GLU A 66 -9.00 7.30 17.15
N GLY A 67 -7.78 6.88 17.46
CA GLY A 67 -6.64 7.76 17.24
C GLY A 67 -6.48 8.05 15.76
N ALA A 68 -5.87 9.21 15.46
CA ALA A 68 -5.66 9.61 14.08
C ALA A 68 -4.97 8.51 13.28
N GLY A 69 -5.29 8.44 11.98
CA GLY A 69 -4.68 7.45 11.12
C GLY A 69 -5.66 6.44 10.58
N THR A 70 -5.38 5.90 9.39
CA THR A 70 -6.30 4.99 8.71
C THR A 70 -5.71 3.59 8.65
N LYS A 71 -6.61 2.63 8.59
CA LYS A 71 -6.26 1.22 8.41
C LYS A 71 -6.95 0.77 7.14
N LEU A 72 -6.21 0.15 6.24
CA LEU A 72 -6.76 -0.26 4.93
C LEU A 72 -7.19 -1.71 4.99
N LEU A 73 -8.41 -1.98 4.55
CA LEU A 73 -8.95 -3.35 4.57
C LEU A 73 -9.04 -3.86 3.14
N LEU A 74 -8.23 -4.85 2.80
CA LEU A 74 -8.20 -5.39 1.43
C LEU A 74 -9.45 -6.19 1.17
N LEU A 75 -9.97 -6.07 -0.03
CA LEU A 75 -11.22 -6.76 -0.41
C LEU A 75 -10.90 -7.82 -1.47
N HIS A 76 -11.47 -8.99 -1.30
CA HIS A 76 -11.31 -10.09 -2.28
C HIS A 76 -12.06 -9.82 -3.57
N GLU A 77 -11.57 -10.34 -4.67
CA GLU A 77 -12.18 -10.18 -6.00
C GLU A 77 -13.53 -10.87 -6.04
N GLN A 78 -13.65 -12.02 -5.39
CA GLN A 78 -14.90 -12.79 -5.49
C GLN A 78 -15.94 -12.17 -4.57
N GLU A 79 -15.53 -11.22 -3.75
CA GLU A 79 -16.46 -10.59 -2.81
C GLU A 79 -17.45 -9.74 -3.57
N THR A 80 -18.70 -9.83 -3.18
CA THR A 80 -19.78 -9.05 -3.78
C THR A 80 -19.82 -7.64 -3.22
N LEU A 81 -20.19 -6.67 -4.07
CA LEU A 81 -20.36 -5.32 -3.59
C LEU A 81 -21.40 -5.23 -2.50
N THR A 82 -22.55 -5.90 -2.68
CA THR A 82 -23.55 -5.89 -1.62
C THR A 82 -22.97 -6.45 -0.33
N GLN A 83 -22.25 -7.56 -0.45
CA GLN A 83 -21.50 -8.16 0.65
C GLN A 83 -20.46 -7.20 1.23
N VAL A 84 -20.02 -6.21 0.46
CA VAL A 84 -19.05 -5.24 0.94
C VAL A 84 -19.74 -4.16 1.78
N THR A 85 -20.92 -3.71 1.35
CA THR A 85 -21.73 -2.73 2.08
C THR A 85 -22.24 -3.27 3.42
N GLN A 86 -21.95 -4.52 3.74
CA GLN A 86 -22.41 -5.14 4.97
C GLN A 86 -21.27 -5.42 5.94
N ARG A 87 -20.08 -5.07 5.49
CA ARG A 87 -18.91 -5.12 6.38
C ARG A 87 -19.27 -4.13 7.49
N PRO A 88 -18.56 -4.00 8.62
CA PRO A 88 -19.08 -3.19 9.72
C PRO A 88 -18.74 -1.71 9.58
N SER A 89 -19.78 -0.86 9.67
CA SER A 89 -19.64 0.57 9.39
C SER A 89 -19.03 0.78 8.02
N SER A 90 -19.56 0.05 7.03
CA SER A 90 -19.18 0.31 5.64
C SER A 90 -19.57 1.73 5.24
N HIS A 91 -20.68 2.24 5.78
CA HIS A 91 -21.18 3.55 5.40
C HIS A 91 -20.18 4.67 5.70
N LYS A 92 -19.30 4.48 6.68
CA LYS A 92 -18.36 5.55 7.02
C LYS A 92 -16.92 5.21 6.63
N MET A 93 -16.74 4.26 5.71
CA MET A 93 -15.44 3.99 5.13
C MET A 93 -15.47 4.34 3.66
N ARG A 94 -14.30 4.53 3.06
CA ARG A 94 -14.21 4.85 1.62
C ARG A 94 -13.61 3.69 0.83
N CYS A 95 -13.93 3.58 -0.46
CA CYS A 95 -13.33 2.54 -1.33
C CYS A 95 -12.18 3.17 -2.07
N LEU A 96 -11.00 2.55 -1.95
CA LEU A 96 -9.80 3.06 -2.63
C LEU A 96 -9.26 2.04 -3.62
N PHE A 97 -8.88 2.49 -4.82
CA PHE A 97 -8.20 1.64 -5.82
C PHE A 97 -6.71 1.86 -5.61
N ARG A 98 -5.98 0.79 -5.42
CA ARG A 98 -4.57 0.97 -5.07
C ARG A 98 -3.74 -0.19 -5.53
N ILE A 99 -2.45 0.05 -5.75
CA ILE A 99 -1.53 -1.05 -6.00
C ILE A 99 -1.21 -1.72 -4.67
N SER A 100 -1.55 -3.00 -4.54
CA SER A 100 -1.40 -3.70 -3.24
C SER A 100 -0.29 -4.74 -3.34
N PHE A 101 0.10 -5.11 -4.55
CA PHE A 101 1.12 -6.14 -4.80
C PHE A 101 2.20 -5.49 -5.64
N VAL A 102 3.20 -5.02 -4.95
CA VAL A 102 4.23 -4.20 -5.61
C VAL A 102 5.30 -5.07 -6.24
N PRO A 103 5.97 -4.63 -7.32
CA PRO A 103 7.10 -5.36 -7.83
C PRO A 103 8.31 -5.10 -6.93
N LYS A 104 9.15 -6.12 -6.81
CA LYS A 104 10.29 -6.05 -5.87
C LYS A 104 11.24 -4.96 -6.34
N ASP A 105 11.43 -4.85 -7.64
CA ASP A 105 12.14 -3.69 -8.19
C ASP A 105 11.18 -2.86 -9.04
N PRO A 106 11.00 -1.58 -8.71
CA PRO A 106 9.99 -0.77 -9.32
C PRO A 106 10.20 -0.66 -10.82
N ILE A 107 11.44 -0.71 -11.26
CA ILE A 107 11.79 -0.42 -12.68
C ILE A 107 11.13 -1.46 -13.59
N ASP A 108 10.90 -2.65 -13.06
CA ASP A 108 10.31 -3.77 -13.84
C ASP A 108 8.90 -3.40 -14.28
N LEU A 109 8.13 -2.77 -13.41
CA LEU A 109 6.79 -2.20 -13.73
C LEU A 109 6.94 -1.13 -14.79
N LEU A 110 8.02 -0.37 -14.77
CA LEU A 110 8.03 0.79 -15.68
C LEU A 110 8.15 0.26 -17.09
N ARG A 111 9.04 -0.69 -17.30
CA ARG A 111 9.13 -1.22 -18.66
C ARG A 111 7.88 -2.00 -19.03
N ARG A 112 7.19 -2.57 -18.04
CA ARG A 112 5.94 -3.34 -18.29
C ARG A 112 4.72 -2.44 -18.50
N ASP A 113 4.23 -1.80 -17.45
CA ASP A 113 3.04 -0.92 -17.54
C ASP A 113 3.43 0.49 -17.07
N PRO A 114 3.81 1.46 -17.95
CA PRO A 114 4.07 2.82 -17.45
C PRO A 114 2.90 3.41 -16.68
N VAL A 115 1.66 3.17 -17.12
CA VAL A 115 0.51 3.69 -16.37
C VAL A 115 0.56 3.19 -14.93
N ALA A 116 0.88 1.91 -14.74
CA ALA A 116 0.91 1.34 -13.39
C ALA A 116 2.06 1.90 -12.58
N PHE A 117 3.16 2.25 -13.24
CA PHE A 117 4.34 2.81 -12.56
C PHE A 117 4.05 4.23 -12.10
N GLU A 118 3.49 5.02 -12.99
CA GLU A 118 3.05 6.34 -12.56
C GLU A 118 2.07 6.23 -11.40
N TYR A 119 1.14 5.26 -11.49
CA TYR A 119 0.21 5.04 -10.39
C TYR A 119 0.96 4.70 -9.11
N LEU A 120 2.04 3.95 -9.21
CA LEU A 120 2.77 3.56 -8.00
C LEU A 120 3.49 4.75 -7.39
N TYR A 121 4.02 5.67 -8.23
CA TYR A 121 4.70 6.85 -7.70
C TYR A 121 3.73 7.79 -7.01
N VAL A 122 2.57 8.04 -7.61
CA VAL A 122 1.60 8.93 -6.99
C VAL A 122 1.12 8.34 -5.65
N GLN A 123 0.82 7.04 -5.63
CA GLN A 123 0.39 6.39 -4.40
C GLN A 123 1.49 6.44 -3.33
N SER A 124 2.74 6.26 -3.73
CA SER A 124 3.82 6.25 -2.74
C SER A 124 4.00 7.62 -2.10
N CYS A 125 3.96 8.69 -2.89
CA CYS A 125 4.04 10.05 -2.34
C CYS A 125 3.01 10.24 -1.25
N ASN A 126 1.75 9.90 -1.56
CA ASN A 126 0.68 9.96 -0.56
C ASN A 126 0.99 9.10 0.64
N ASP A 127 1.48 7.87 0.42
CA ASP A 127 1.85 6.99 1.51
C ASP A 127 2.94 7.61 2.36
N VAL A 128 3.99 8.15 1.71
CA VAL A 128 5.09 8.77 2.45
C VAL A 128 4.59 9.92 3.31
N VAL A 129 3.79 10.82 2.75
CA VAL A 129 3.39 12.05 3.48
C VAL A 129 2.39 11.72 4.57
N GLN A 130 1.55 10.73 4.35
CA GLN A 130 0.56 10.34 5.33
C GLN A 130 1.09 9.32 6.32
N GLU A 131 2.40 9.18 6.40
CA GLU A 131 3.06 8.23 7.34
C GLU A 131 2.48 6.81 7.28
N ARG A 132 2.22 6.28 6.10
CA ARG A 132 1.73 4.91 5.99
C ARG A 132 2.84 3.87 6.13
N PHE A 133 4.07 4.31 6.02
CA PHE A 133 5.23 3.51 6.47
C PHE A 133 5.39 3.79 7.97
N GLY A 134 6.13 2.96 8.71
CA GLY A 134 6.30 3.19 10.12
C GLY A 134 7.26 4.34 10.40
N PRO A 135 7.53 4.58 11.69
CA PRO A 135 8.61 5.51 12.06
C PRO A 135 9.96 5.13 11.46
N GLU A 136 10.09 3.94 10.88
CA GLU A 136 11.28 3.59 10.11
C GLU A 136 11.59 4.62 9.03
N LEU A 137 10.60 5.43 8.62
CA LEU A 137 10.81 6.51 7.65
C LEU A 137 11.34 7.70 8.46
N LYS A 138 12.65 7.78 8.56
CA LYS A 138 13.18 8.85 9.42
C LYS A 138 12.96 10.18 8.73
N TYR A 139 12.98 11.26 9.49
CA TYR A 139 12.76 12.61 8.95
C TYR A 139 13.82 12.86 7.90
N ASP A 140 15.00 12.28 8.12
CA ASP A 140 16.12 12.42 7.18
C ASP A 140 15.64 11.97 5.80
N ILE A 141 15.17 10.73 5.71
CA ILE A 141 14.73 10.16 4.40
C ILE A 141 13.54 10.97 3.90
N ALA A 142 12.66 11.38 4.81
CA ALA A 142 11.40 12.05 4.45
C ALA A 142 11.70 13.35 3.72
N LEU A 143 12.65 14.11 4.24
CA LEU A 143 13.06 15.37 3.61
C LEU A 143 13.72 15.05 2.27
N ARG A 144 14.54 14.02 2.24
CA ARG A 144 15.23 13.71 0.97
C ARG A 144 14.16 13.35 -0.05
N LEU A 145 13.14 12.59 0.37
CA LEU A 145 12.10 12.15 -0.58
C LEU A 145 11.38 13.38 -1.07
N ALA A 146 11.15 14.33 -0.18
CA ALA A 146 10.40 15.57 -0.49
C ALA A 146 11.13 16.41 -1.53
N ALA A 147 12.45 16.45 -1.44
CA ALA A 147 13.29 17.23 -2.37
C ALA A 147 13.14 16.69 -3.80
N LEU A 148 12.92 15.40 -3.92
CA LEU A 148 12.76 14.77 -5.24
C LEU A 148 11.30 14.96 -5.63
N GLN A 149 10.38 14.69 -4.73
CA GLN A 149 9.00 14.97 -5.09
C GLN A 149 8.85 16.42 -5.52
N MET A 150 9.55 17.31 -4.83
CA MET A 150 9.49 18.72 -5.16
C MET A 150 10.12 18.97 -6.52
N TYR A 151 11.27 18.35 -6.76
CA TYR A 151 11.95 18.43 -8.07
C TYR A 151 11.00 17.95 -9.16
N ILE A 152 10.34 16.83 -8.91
CA ILE A 152 9.55 16.18 -9.95
C ILE A 152 8.32 17.01 -10.28
N ALA A 153 7.75 17.65 -9.26
CA ALA A 153 6.59 18.52 -9.47
C ALA A 153 6.94 19.75 -10.30
N THR A 154 8.19 20.20 -10.21
CA THR A 154 8.61 21.42 -10.91
C THR A 154 8.95 21.10 -12.35
N VAL A 155 9.77 20.10 -12.58
CA VAL A 155 10.26 19.81 -13.94
C VAL A 155 9.13 19.39 -14.87
N THR A 156 8.01 18.95 -14.32
CA THR A 156 6.87 18.57 -15.14
C THR A 156 5.86 19.69 -15.27
N THR A 157 6.19 20.88 -14.81
CA THR A 157 5.19 21.99 -14.83
C THR A 157 5.88 23.25 -15.33
N LYS A 158 7.17 23.38 -15.04
CA LYS A 158 7.94 24.54 -15.53
C LYS A 158 9.28 24.07 -16.07
N GLN A 159 9.80 24.77 -17.07
CA GLN A 159 11.07 24.38 -17.71
C GLN A 159 12.22 24.60 -16.73
N THR A 160 12.04 25.49 -15.77
CA THR A 160 13.21 25.76 -14.92
C THR A 160 13.71 24.42 -14.40
N GLN A 161 15.00 24.19 -14.54
CA GLN A 161 15.61 22.93 -14.02
C GLN A 161 16.15 23.27 -12.63
N LYS A 162 16.00 24.53 -12.21
CA LYS A 162 16.43 24.94 -10.84
C LYS A 162 15.20 25.26 -9.96
N ILE A 163 15.18 24.63 -8.78
CA ILE A 163 13.98 24.40 -7.95
C ILE A 163 13.92 25.54 -6.94
N SER A 164 12.72 26.06 -6.69
CA SER A 164 12.58 27.24 -5.81
C SER A 164 11.57 26.93 -4.73
N LEU A 165 11.99 26.93 -3.48
CA LEU A 165 11.03 26.73 -2.37
C LEU A 165 9.93 27.78 -2.46
N LYS A 166 10.24 28.98 -2.92
CA LYS A 166 9.22 30.03 -2.97
C LYS A 166 8.10 29.66 -3.93
N TYR A 167 8.46 29.07 -5.08
CA TYR A 167 7.43 28.54 -5.98
C TYR A 167 6.61 27.47 -5.26
N ILE A 168 7.30 26.48 -4.68
CA ILE A 168 6.64 25.34 -4.05
C ILE A 168 5.72 25.82 -2.93
N GLU A 169 6.17 26.84 -2.18
CA GLU A 169 5.37 27.40 -1.10
C GLU A 169 4.04 27.93 -1.60
N LYS A 170 4.05 28.63 -2.74
CA LYS A 170 2.81 29.20 -3.27
C LYS A 170 2.01 28.17 -4.07
N GLU A 171 2.63 27.57 -5.10
CA GLU A 171 1.89 26.72 -6.02
C GLU A 171 1.26 25.55 -5.32
N TRP A 172 2.05 24.85 -4.49
CA TRP A 172 1.60 23.58 -3.92
C TRP A 172 1.43 23.63 -2.41
N GLY A 173 2.28 24.39 -1.75
CA GLY A 173 2.30 24.32 -0.28
C GLY A 173 3.36 23.33 0.14
N LEU A 174 4.32 23.76 0.94
CA LEU A 174 5.42 22.87 1.34
C LEU A 174 4.86 21.73 2.14
N GLU A 175 3.85 22.01 2.95
CA GLU A 175 3.28 21.00 3.86
C GLU A 175 2.78 19.79 3.07
N THR A 176 2.48 19.96 1.79
CA THR A 176 1.97 18.87 0.94
C THR A 176 3.02 17.79 0.71
N PHE A 177 4.29 18.14 0.84
CA PHE A 177 5.37 17.18 0.56
C PHE A 177 5.98 16.67 1.86
N LEU A 178 5.37 16.99 3.01
CA LEU A 178 6.02 16.65 4.31
C LEU A 178 5.10 15.92 5.30
N PRO A 179 5.58 14.91 6.06
CA PRO A 179 4.75 14.26 7.04
C PRO A 179 4.38 15.15 8.23
N SER A 180 3.29 14.81 8.90
CA SER A 180 2.79 15.61 10.03
C SER A 180 3.89 15.69 11.09
N ALA A 181 4.66 14.65 11.25
CA ALA A 181 5.72 14.61 12.28
C ALA A 181 6.76 15.69 12.02
N VAL A 182 7.18 15.88 10.78
CA VAL A 182 8.14 16.99 10.53
C VAL A 182 7.41 18.29 10.86
N LEU A 183 6.13 18.37 10.52
CA LEU A 183 5.37 19.63 10.72
C LEU A 183 5.27 19.93 12.22
N GLN A 184 5.06 18.91 13.03
CA GLN A 184 4.85 19.13 14.48
C GLN A 184 6.21 19.25 15.18
N SER A 185 7.21 18.47 14.77
CA SER A 185 8.48 18.48 15.51
C SER A 185 9.49 19.49 14.99
N MET A 186 9.82 19.47 13.71
CA MET A 186 10.91 20.35 13.21
C MET A 186 10.47 21.81 13.12
N LYS A 187 11.39 22.75 13.34
CA LYS A 187 11.10 24.21 13.22
C LYS A 187 11.01 24.56 11.74
N GLU A 188 10.02 25.38 11.36
CA GLU A 188 9.83 25.67 9.92
C GLU A 188 11.15 26.13 9.31
N LYS A 189 11.86 27.01 9.99
CA LYS A 189 13.15 27.53 9.47
C LYS A 189 14.08 26.34 9.30
N ASN A 190 14.07 25.45 10.30
CA ASN A 190 15.00 24.30 10.28
C ASN A 190 14.64 23.36 9.13
N ILE A 191 13.34 23.17 8.86
CA ILE A 191 12.89 22.32 7.74
C ILE A 191 13.34 22.95 6.42
N LYS A 192 13.14 24.25 6.28
CA LYS A 192 13.46 24.92 4.99
C LYS A 192 14.97 24.91 4.81
N LYS A 193 15.71 25.11 5.88
CA LYS A 193 17.18 25.03 5.76
C LYS A 193 17.50 23.60 5.33
N ALA A 194 16.81 22.64 5.93
CA ALA A 194 17.17 21.25 5.60
C ALA A 194 16.92 21.02 4.13
N LEU A 195 15.74 21.44 3.64
CA LEU A 195 15.39 21.20 2.22
C LEU A 195 16.37 21.98 1.37
N SER A 196 16.74 23.17 1.84
CA SER A 196 17.62 24.02 1.01
C SER A 196 18.92 23.25 0.82
N HIS A 197 19.48 22.72 1.88
CA HIS A 197 20.78 22.05 1.69
C HIS A 197 20.58 20.83 0.81
N LEU A 198 19.53 20.04 1.10
CA LEU A 198 19.25 18.77 0.38
C LEU A 198 19.10 19.00 -1.13
N VAL A 199 18.13 19.83 -1.52
CA VAL A 199 17.82 20.02 -2.95
C VAL A 199 19.10 20.46 -3.62
N LYS A 200 19.79 21.39 -2.97
CA LYS A 200 21.05 21.90 -3.56
C LYS A 200 22.06 20.77 -3.62
N ALA A 201 22.18 19.95 -2.58
CA ALA A 201 23.24 18.95 -2.61
C ALA A 201 22.97 17.96 -3.74
N ASN A 202 21.73 17.51 -3.86
CA ASN A 202 21.34 16.62 -4.98
C ASN A 202 21.56 17.39 -6.28
N GLN A 203 21.27 18.70 -6.28
CA GLN A 203 21.55 19.53 -7.48
C GLN A 203 23.05 19.45 -7.72
N ASN A 204 23.84 19.48 -6.65
CA ASN A 204 25.32 19.40 -6.76
C ASN A 204 25.73 18.03 -7.33
N LEU A 205 25.00 16.97 -6.98
CA LEU A 205 25.33 15.62 -7.47
C LEU A 205 25.14 15.53 -8.99
N VAL A 206 24.23 16.34 -9.55
CA VAL A 206 23.85 16.18 -10.98
C VAL A 206 24.66 16.96 -12.04
N PRO A 207 25.26 18.17 -11.86
CA PRO A 207 25.88 18.91 -12.97
C PRO A 207 26.78 18.16 -13.95
N PRO A 208 27.64 17.21 -13.55
CA PRO A 208 28.42 16.47 -14.53
C PRO A 208 27.40 15.76 -15.42
N GLY A 209 26.32 15.27 -14.81
CA GLY A 209 25.29 14.58 -15.59
C GLY A 209 24.34 15.54 -16.27
N LYS A 210 23.61 15.05 -17.26
CA LYS A 210 22.56 15.90 -17.89
C LYS A 210 21.45 15.97 -16.85
N LYS A 211 20.50 16.88 -17.01
CA LYS A 211 19.51 17.03 -15.92
C LYS A 211 18.78 15.70 -15.69
N LEU A 212 18.50 15.40 -14.42
CA LEU A 212 17.74 14.18 -14.06
C LEU A 212 16.35 14.32 -14.65
N SER A 213 15.97 13.39 -15.50
CA SER A 213 14.61 13.43 -16.02
C SER A 213 13.63 13.18 -14.88
N ALA A 214 12.41 13.70 -15.04
CA ALA A 214 11.37 13.43 -14.05
C ALA A 214 11.16 11.94 -13.89
N LEU A 215 11.13 11.21 -15.01
CA LEU A 215 10.92 9.78 -14.94
C LEU A 215 12.05 9.09 -14.20
N GLN A 216 13.29 9.51 -14.46
CA GLN A 216 14.40 8.90 -13.73
C GLN A 216 14.42 9.31 -12.29
N ALA A 217 13.95 10.52 -12.00
CA ALA A 217 13.80 10.94 -10.61
C ALA A 217 12.75 10.10 -9.91
N LYS A 218 11.62 9.83 -10.59
CA LYS A 218 10.61 9.00 -9.98
C LYS A 218 11.15 7.61 -9.67
N VAL A 219 11.99 7.06 -10.57
CA VAL A 219 12.61 5.76 -10.31
C VAL A 219 13.40 5.80 -9.02
N HIS A 220 14.17 6.86 -8.83
CA HIS A 220 14.94 7.01 -7.59
C HIS A 220 14.01 7.12 -6.38
N TYR A 221 12.89 7.84 -6.54
CA TYR A 221 11.97 8.02 -5.43
C TYR A 221 11.47 6.68 -4.91
N LEU A 222 11.20 5.76 -5.82
CA LEU A 222 10.53 4.50 -5.41
C LEU A 222 11.57 3.46 -4.98
N LYS A 223 12.85 3.71 -5.24
CA LYS A 223 13.89 2.73 -4.91
C LYS A 223 14.20 2.90 -3.43
N PHE A 224 14.16 4.13 -2.97
CA PHE A 224 14.37 4.40 -1.54
C PHE A 224 13.28 3.69 -0.76
N LEU A 225 12.11 3.57 -1.38
CA LEU A 225 10.91 3.12 -0.66
C LEU A 225 10.90 1.60 -0.69
N SER A 226 11.66 1.03 -1.62
CA SER A 226 11.54 -0.41 -1.95
C SER A 226 12.36 -1.21 -0.95
N ASP A 227 13.27 -0.53 -0.27
CA ASP A 227 14.14 -1.22 0.70
C ASP A 227 13.55 -1.19 2.11
N LEU A 228 12.22 -1.10 2.24
CA LEU A 228 11.63 -0.81 3.56
C LEU A 228 10.65 -1.92 3.93
N ARG A 229 10.28 -1.97 5.20
CA ARG A 229 9.49 -3.07 5.77
C ARG A 229 8.05 -3.06 5.30
N LEU A 230 7.43 -1.90 5.31
CA LEU A 230 5.99 -1.83 4.97
C LEU A 230 5.80 -1.53 3.48
N TYR A 231 6.82 -1.82 2.67
CA TYR A 231 6.70 -1.62 1.20
C TYR A 231 5.92 -2.79 0.64
N GLY A 232 4.73 -2.53 0.14
CA GLY A 232 3.87 -3.61 -0.38
C GLY A 232 3.53 -4.58 0.71
N GLY A 233 3.55 -4.11 1.94
CA GLY A 233 3.41 -5.04 3.04
C GLY A 233 2.58 -4.57 4.17
N ARG A 234 2.25 -5.48 5.07
CA ARG A 234 1.37 -5.15 6.19
C ARG A 234 1.77 -5.94 7.44
N VAL A 235 1.41 -5.43 8.59
CA VAL A 235 1.64 -6.01 9.90
C VAL A 235 0.30 -6.42 10.48
N PHE A 236 0.23 -7.65 11.00
CA PHE A 236 -1.00 -8.24 11.51
C PHE A 236 -0.77 -8.71 12.93
N LYS A 237 -1.74 -8.47 13.80
CA LYS A 237 -1.81 -9.22 15.04
C LYS A 237 -2.53 -10.54 14.77
N ALA A 238 -2.12 -11.58 15.49
CA ALA A 238 -2.76 -12.88 15.30
C ALA A 238 -2.50 -13.72 16.54
N THR A 239 -3.31 -14.74 16.68
CA THR A 239 -3.19 -15.69 17.76
C THR A 239 -2.74 -17.00 17.17
N LEU A 240 -1.51 -17.39 17.49
CA LEU A 240 -0.98 -18.65 17.02
C LEU A 240 -1.48 -19.78 17.92
N VAL A 241 -2.11 -20.78 17.32
CA VAL A 241 -2.61 -21.96 18.02
C VAL A 241 -1.66 -23.12 17.70
N GLN A 242 -0.82 -23.49 18.67
CA GLN A 242 0.20 -24.52 18.48
C GLN A 242 0.01 -25.56 19.57
N ALA A 243 -0.41 -26.77 19.18
CA ALA A 243 -0.83 -27.80 20.13
C ALA A 243 -1.97 -27.29 21.02
N GLU A 244 -2.99 -26.73 20.38
CA GLU A 244 -4.23 -26.29 21.03
C GLU A 244 -4.03 -25.27 22.16
N LYS A 245 -2.85 -24.64 22.26
CA LYS A 245 -2.67 -23.54 23.21
C LYS A 245 -2.06 -22.35 22.45
N ARG A 246 -2.34 -21.16 22.99
CA ARG A 246 -2.43 -19.90 22.28
C ARG A 246 -1.35 -18.93 22.69
N SER A 247 -0.89 -18.13 21.73
CA SER A 247 0.08 -17.07 21.98
C SER A 247 -0.08 -15.98 20.92
N GLU A 248 0.16 -14.74 21.34
CA GLU A 248 -0.11 -13.62 20.47
C GLU A 248 1.11 -13.36 19.58
N VAL A 249 0.87 -13.27 18.29
CA VAL A 249 2.01 -13.11 17.35
C VAL A 249 1.80 -11.86 16.52
N THR A 250 2.88 -11.34 15.99
CA THR A 250 2.81 -10.18 15.10
C THR A 250 3.38 -10.65 13.78
N LEU A 251 2.55 -10.69 12.74
CA LEU A 251 3.00 -11.21 11.43
C LEU A 251 3.36 -10.06 10.51
N LEU A 252 4.37 -10.26 9.66
CA LEU A 252 4.72 -9.27 8.63
C LEU A 252 4.60 -10.02 7.31
N VAL A 253 3.75 -9.52 6.44
CA VAL A 253 3.59 -10.15 5.11
C VAL A 253 3.93 -9.09 4.09
N GLY A 254 4.80 -9.46 3.18
CA GLY A 254 5.30 -8.48 2.22
C GLY A 254 6.09 -9.19 1.17
N PRO A 255 6.69 -8.49 0.22
CA PRO A 255 7.35 -9.18 -0.87
C PRO A 255 8.69 -9.81 -0.50
N ARG A 256 9.45 -9.19 0.37
CA ARG A 256 10.76 -9.75 0.82
C ARG A 256 10.62 -10.61 2.07
N TYR A 257 9.41 -10.76 2.61
CA TYR A 257 9.26 -11.50 3.88
C TYR A 257 8.33 -12.71 3.74
N GLY A 258 7.74 -12.94 2.58
CA GLY A 258 6.74 -14.01 2.49
C GLY A 258 5.81 -13.77 3.64
N ILE A 259 5.43 -14.81 4.36
CA ILE A 259 4.77 -14.63 5.64
C ILE A 259 5.81 -14.89 6.71
N SER A 260 6.12 -13.82 7.42
CA SER A 260 7.13 -13.90 8.48
C SER A 260 6.48 -13.44 9.79
N HIS A 261 7.15 -13.63 10.91
CA HIS A 261 6.62 -13.26 12.23
C HIS A 261 7.64 -12.32 12.88
N VAL A 262 7.18 -11.28 13.55
CA VAL A 262 8.10 -10.32 14.20
C VAL A 262 8.42 -10.84 15.59
N ILE A 263 9.69 -11.12 15.82
CA ILE A 263 10.13 -11.60 17.17
C ILE A 263 10.49 -10.39 18.00
N ASN A 264 11.14 -9.42 17.38
CA ASN A 264 11.60 -8.28 18.16
C ASN A 264 11.74 -7.12 17.19
N THR A 265 10.94 -6.08 17.39
CA THR A 265 11.06 -4.91 16.53
C THR A 265 12.43 -4.26 16.70
N LYS A 266 12.91 -4.17 17.95
CA LYS A 266 14.11 -3.40 18.23
C LYS A 266 15.27 -3.82 17.33
N THR A 267 15.50 -5.13 17.19
CA THR A 267 16.59 -5.62 16.34
C THR A 267 16.14 -5.94 14.91
N ASN A 268 14.92 -5.54 14.56
CA ASN A 268 14.30 -5.90 13.25
C ASN A 268 14.48 -7.39 13.08
N LEU A 269 14.11 -8.12 14.13
CA LEU A 269 14.22 -9.59 14.08
C LEU A 269 12.90 -10.13 13.57
N VAL A 270 12.94 -10.76 12.42
CA VAL A 270 11.71 -11.28 11.78
C VAL A 270 12.00 -12.73 11.45
N ALA A 271 11.03 -13.61 11.65
CA ALA A 271 11.26 -15.05 11.39
C ALA A 271 10.34 -15.54 10.30
N LEU A 272 10.90 -16.12 9.25
CA LEU A 272 10.06 -16.68 8.18
C LEU A 272 9.21 -17.78 8.74
N LEU A 273 7.93 -17.76 8.40
CA LEU A 273 7.02 -18.85 8.79
C LEU A 273 6.76 -19.58 7.49
N ALA A 274 6.71 -18.84 6.39
CA ALA A 274 6.37 -19.45 5.09
C ALA A 274 6.72 -18.56 3.92
N ASP A 275 7.51 -19.06 3.01
CA ASP A 275 7.75 -18.31 1.75
C ASP A 275 6.47 -18.50 0.96
N PHE A 276 6.19 -17.59 0.04
CA PHE A 276 4.93 -17.66 -0.74
C PHE A 276 4.93 -18.94 -1.54
N SER A 277 6.09 -19.37 -2.01
CA SER A 277 6.22 -20.57 -2.86
C SER A 277 5.89 -21.83 -2.08
N HIS A 278 6.02 -21.78 -0.77
CA HIS A 278 5.76 -22.95 0.09
C HIS A 278 4.30 -22.98 0.55
N VAL A 279 3.52 -21.98 0.21
CA VAL A 279 2.08 -21.98 0.55
C VAL A 279 1.33 -22.75 -0.53
N ASN A 280 0.49 -23.70 -0.12
CA ASN A 280 -0.31 -24.51 -1.07
C ASN A 280 -1.79 -24.20 -0.93
N ARG A 281 -2.21 -23.69 0.21
CA ARG A 281 -3.63 -23.40 0.42
C ARG A 281 -3.76 -22.54 1.65
N ILE A 282 -4.84 -21.75 1.67
CA ILE A 282 -5.27 -20.99 2.84
C ILE A 282 -6.75 -21.28 3.01
N GLU A 283 -7.15 -21.58 4.22
CA GLU A 283 -8.56 -21.85 4.48
C GLU A 283 -8.98 -21.11 5.74
N MET A 284 -10.17 -20.51 5.66
CA MET A 284 -10.72 -19.77 6.78
C MET A 284 -12.07 -20.34 7.15
N PHE A 285 -12.41 -20.17 8.41
CA PHE A 285 -13.63 -20.78 8.96
C PHE A 285 -14.29 -19.72 9.82
N SER A 286 -15.35 -20.06 10.55
CA SER A 286 -15.90 -19.02 11.44
C SER A 286 -15.73 -19.42 12.88
N GLU A 287 -15.57 -18.43 13.74
CA GLU A 287 -15.51 -18.73 15.19
C GLU A 287 -16.36 -17.69 15.93
N GLU A 288 -16.16 -17.55 17.23
CA GLU A 288 -16.91 -16.61 18.07
C GLU A 288 -16.62 -15.16 17.74
N GLU A 289 -17.69 -14.41 17.44
CA GLU A 289 -17.67 -12.95 17.50
C GLU A 289 -16.66 -12.38 16.50
N SER A 290 -16.94 -12.62 15.23
CA SER A 290 -16.09 -12.11 14.15
C SER A 290 -14.62 -12.40 14.42
N LEU A 291 -14.38 -13.63 14.89
CA LEU A 291 -12.99 -14.14 15.00
C LEU A 291 -12.95 -15.23 13.91
N VAL A 292 -11.90 -15.24 13.12
CA VAL A 292 -11.77 -16.13 11.96
C VAL A 292 -10.53 -16.98 12.14
N ARG A 293 -10.70 -18.30 11.98
CA ARG A 293 -9.57 -19.24 12.06
C ARG A 293 -8.97 -19.40 10.67
N VAL A 294 -7.69 -19.13 10.54
CA VAL A 294 -6.96 -19.29 9.29
C VAL A 294 -6.05 -20.51 9.42
N GLU A 295 -6.03 -21.33 8.38
CA GLU A 295 -5.15 -22.50 8.37
C GLU A 295 -4.23 -22.43 7.17
N LEU A 296 -2.93 -22.27 7.43
CA LEU A 296 -1.95 -22.18 6.35
C LEU A 296 -1.41 -23.57 6.06
N HIS A 297 -1.60 -24.02 4.83
CA HIS A 297 -1.04 -25.31 4.40
C HIS A 297 0.31 -25.01 3.77
N VAL A 298 1.39 -25.46 4.39
CA VAL A 298 2.75 -25.07 3.92
C VAL A 298 3.55 -26.33 3.66
N LEU A 299 4.49 -26.24 2.74
CA LEU A 299 5.29 -27.39 2.32
C LEU A 299 6.10 -27.99 3.45
N ASP A 300 6.06 -29.31 3.56
CA ASP A 300 6.89 -30.07 4.52
C ASP A 300 6.66 -29.68 5.99
N VAL A 301 5.50 -29.11 6.35
CA VAL A 301 5.15 -28.85 7.75
C VAL A 301 3.67 -29.12 7.93
N LYS A 302 3.31 -29.41 9.17
CA LYS A 302 1.90 -29.43 9.54
C LYS A 302 1.32 -28.04 9.32
N PRO A 303 0.04 -27.96 9.03
CA PRO A 303 -0.58 -26.65 8.78
C PRO A 303 -0.43 -25.74 9.99
N ILE A 304 -0.31 -24.44 9.72
CA ILE A 304 -0.25 -23.41 10.75
C ILE A 304 -1.63 -22.81 10.96
N THR A 305 -2.03 -22.65 12.22
CA THR A 305 -3.36 -22.20 12.58
C THR A 305 -3.29 -20.84 13.26
N LEU A 306 -4.08 -19.88 12.75
CA LEU A 306 -4.07 -18.51 13.25
C LEU A 306 -5.49 -18.13 13.58
N LEU A 307 -5.69 -17.53 14.75
CA LEU A 307 -6.96 -16.92 15.11
C LEU A 307 -6.79 -15.42 14.95
N MET A 308 -7.62 -14.81 14.11
CA MET A 308 -7.47 -13.40 13.76
C MET A 308 -8.83 -12.72 13.67
N GLU A 309 -8.84 -11.40 13.90
CA GLU A 309 -10.02 -10.59 13.60
C GLU A 309 -10.34 -10.69 12.11
N SER A 310 -11.63 -10.65 11.79
CA SER A 310 -12.09 -11.06 10.46
C SER A 310 -11.45 -10.27 9.34
N SER A 311 -11.38 -8.94 9.49
CA SER A 311 -10.81 -8.14 8.39
C SER A 311 -9.31 -8.37 8.24
N ASP A 312 -8.59 -8.56 9.36
CA ASP A 312 -7.19 -8.95 9.31
C ASP A 312 -7.02 -10.33 8.68
N ALA A 313 -7.87 -11.29 9.05
CA ALA A 313 -7.83 -12.59 8.40
C ALA A 313 -7.93 -12.41 6.90
N MET A 314 -8.84 -11.58 6.43
CA MET A 314 -9.07 -11.40 4.97
C MET A 314 -7.90 -10.67 4.32
N ASN A 315 -7.23 -9.80 5.06
CA ASN A 315 -6.16 -9.04 4.41
C ASN A 315 -4.95 -9.96 4.34
N LEU A 316 -4.85 -10.93 5.26
CA LEU A 316 -3.77 -11.91 5.18
C LEU A 316 -3.97 -12.81 3.96
N ALA A 317 -5.18 -13.32 3.76
CA ALA A 317 -5.40 -14.18 2.59
C ALA A 317 -5.15 -13.41 1.29
N CYS A 318 -5.81 -12.28 1.13
CA CYS A 318 -5.64 -11.46 -0.08
C CYS A 318 -4.17 -11.16 -0.32
N LEU A 319 -3.47 -10.65 0.70
CA LEU A 319 -2.08 -10.23 0.43
C LEU A 319 -1.25 -11.46 0.10
N THR A 320 -1.51 -12.56 0.78
CA THR A 320 -0.76 -13.76 0.43
C THR A 320 -1.14 -14.26 -0.95
N ALA A 321 -2.44 -14.39 -1.24
CA ALA A 321 -2.85 -14.80 -2.58
C ALA A 321 -2.40 -13.80 -3.63
N GLY A 322 -2.45 -12.50 -3.31
CA GLY A 322 -1.96 -11.48 -4.24
C GLY A 322 -0.50 -11.66 -4.63
N TYR A 323 0.36 -11.96 -3.68
CA TYR A 323 1.80 -12.08 -3.98
C TYR A 323 2.07 -13.45 -4.58
N TYR A 324 1.26 -14.44 -4.25
CA TYR A 324 1.36 -15.72 -4.93
C TYR A 324 1.02 -15.59 -6.41
N ARG A 325 -0.13 -14.96 -6.72
CA ARG A 325 -0.50 -14.73 -8.11
C ARG A 325 0.58 -13.96 -8.86
N LEU A 326 1.26 -13.04 -8.17
CA LEU A 326 2.28 -12.20 -8.78
C LEU A 326 3.63 -12.91 -8.86
N LEU A 327 4.08 -13.53 -7.78
CA LEU A 327 5.44 -14.03 -7.71
C LEU A 327 5.57 -15.54 -7.89
N VAL A 328 4.47 -16.30 -7.83
CA VAL A 328 4.64 -17.75 -7.89
C VAL A 328 3.94 -18.37 -9.09
N ASP A 329 2.62 -18.21 -9.20
CA ASP A 329 1.86 -18.81 -10.28
C ASP A 329 0.56 -18.04 -10.47
N SER A 330 0.34 -17.57 -11.71
CA SER A 330 -0.82 -16.74 -12.03
C SER A 330 -2.11 -17.53 -12.08
N ARG A 331 -2.04 -18.83 -12.38
CA ARG A 331 -3.24 -19.64 -12.53
C ARG A 331 -3.73 -20.18 -11.19
N ARG A 332 -2.82 -20.76 -10.40
CA ARG A 332 -3.24 -21.63 -9.31
C ARG A 332 -3.85 -20.84 -8.17
N SER A 333 -4.93 -21.37 -7.61
CA SER A 333 -5.59 -20.70 -6.46
C SER A 333 -5.05 -21.22 -5.15
N ILE A 334 -5.04 -20.36 -4.12
CA ILE A 334 -4.50 -20.74 -2.80
C ILE A 334 -5.64 -20.45 -1.83
N PHE A 335 -6.33 -19.35 -2.06
CA PHE A 335 -7.47 -18.98 -1.20
C PHE A 335 -8.71 -18.76 -2.06
N ASN A 336 -9.82 -19.37 -1.67
CA ASN A 336 -11.10 -19.13 -2.37
C ASN A 336 -12.16 -19.01 -1.29
N MET A 337 -12.82 -17.87 -1.18
CA MET A 337 -13.97 -17.77 -0.26
C MET A 337 -15.15 -18.42 -0.97
N ALA A 338 -16.29 -18.60 -0.31
CA ALA A 338 -17.47 -19.14 -1.03
C ALA A 338 -18.75 -18.56 -0.42
#